data_8BZF
#
_entry.id   8BZF
#
_cell.length_a   81.850
_cell.length_b   112.086
_cell.length_c   62.430
_cell.angle_alpha   90.00
_cell.angle_beta   90.00
_cell.angle_gamma   90.00
#
_symmetry.space_group_name_H-M   'C 2 2 21'
#
loop_
_entity.id
_entity.type
_entity.pdbx_description
1 polymer '14-3-3 protein sigma'
2 polymer 'ERalpha peptide'
3 non-polymer 'MAGNESIUM ION'
4 non-polymer 'Fusicoccin J-acetonide'
5 water water
#
loop_
_entity_poly.entity_id
_entity_poly.type
_entity_poly.pdbx_seq_one_letter_code
_entity_poly.pdbx_strand_id
1 'polypeptide(L)'
;GAMGSMERASLIQKAKLAEQAERYEDMAAFMKGAVEKGEELSCEERNLLSVAYKNVVGGQRAAWRVLSSIEQKSNEEGSE
EKGPEVREYREKVETELQGVCDTVLGLLDSHLIKEAGDAESRVFYLKMKGDYYRYLAEVATGDDKKRIIDSARSAYQEAM
DISKKEMPPTNPIRLGLALNFSVFHYEIANSPEEAISLAKTTFDEAMADLHTLSEDSYKDSTLIMQLLRDNLTLWT
;
A
2 'polypeptide(L)' FPA(TPO)V B
#
loop_
_chem_comp.id
_chem_comp.type
_chem_comp.name
_chem_comp.formula
MG non-polymer 'MAGNESIUM ION' 'Mg 2'
SJ4 non-polymer 'Fusicoccin J-acetonide' 'C30 H50 O9'
#
# COMPACT_ATOMS: atom_id res chain seq x y z
N GLY A 1 10.40 -0.81 22.99
CA GLY A 1 9.65 0.22 22.21
C GLY A 1 9.13 1.32 23.09
N ALA A 2 9.16 2.55 22.55
CA ALA A 2 8.77 3.72 23.32
C ALA A 2 7.28 3.74 23.66
N MET A 3 6.49 2.90 23.00
CA MET A 3 5.07 2.81 23.34
C MET A 3 4.77 1.63 24.26
N GLY A 4 5.80 0.95 24.76
CA GLY A 4 5.56 -0.22 25.57
C GLY A 4 4.83 0.07 26.87
N SER A 5 4.95 1.28 27.41
CA SER A 5 4.32 1.64 28.67
C SER A 5 2.92 2.17 28.50
N MET A 6 2.45 2.36 27.27
CA MET A 6 1.14 2.94 27.07
C MET A 6 0.10 1.85 26.81
N GLU A 7 -1.07 1.99 27.45
CA GLU A 7 -2.18 1.07 27.25
C GLU A 7 -2.54 0.93 25.79
N ARG A 8 -2.92 -0.29 25.38
CA ARG A 8 -3.37 -0.50 24.00
C ARG A 8 -4.51 0.45 23.64
N ALA A 9 -5.50 0.60 24.51
CA ALA A 9 -6.65 1.43 24.15
C ALA A 9 -6.24 2.89 24.00
N SER A 10 -5.28 3.35 24.82
CA SER A 10 -4.78 4.71 24.71
C SER A 10 -4.02 4.92 23.41
N LEU A 11 -3.27 3.92 22.96
CA LEU A 11 -2.58 4.02 21.68
C LEU A 11 -3.58 4.15 20.53
N ILE A 12 -4.65 3.34 20.56
CA ILE A 12 -5.69 3.45 19.52
C ILE A 12 -6.36 4.80 19.58
N GLN A 13 -6.68 5.28 20.79
CA GLN A 13 -7.31 6.59 20.94
C GLN A 13 -6.41 7.67 20.34
N LYS A 14 -5.12 7.61 20.66
CA LYS A 14 -4.21 8.63 20.17
C LYS A 14 -3.97 8.50 18.68
N ALA A 15 -3.97 7.29 18.13
CA ALA A 15 -3.89 7.19 16.67
C ALA A 15 -5.04 7.93 16.01
N LYS A 16 -6.25 7.81 16.58
CA LYS A 16 -7.40 8.52 16.00
C LYS A 16 -7.26 10.04 16.12
N LEU A 17 -6.71 10.52 17.25
CA LEU A 17 -6.43 11.93 17.42
C LEU A 17 -5.39 12.40 16.41
N ALA A 18 -4.32 11.62 16.26
CA ALA A 18 -3.28 11.96 15.31
C ALA A 18 -3.86 12.04 13.90
N GLU A 19 -4.75 11.11 13.54
CA GLU A 19 -5.40 11.18 12.24
C GLU A 19 -6.16 12.49 12.06
N GLN A 20 -6.91 12.89 13.08
CA GLN A 20 -7.71 14.11 13.00
C GLN A 20 -6.80 15.33 12.83
N ALA A 21 -5.62 15.29 13.46
CA ALA A 21 -4.64 16.35 13.37
C ALA A 21 -3.70 16.21 12.17
N GLU A 22 -3.89 15.21 11.32
CA GLU A 22 -3.03 14.95 10.17
C GLU A 22 -1.56 14.82 10.58
N ARG A 23 -1.33 14.14 11.70
CA ARG A 23 -0.01 13.86 12.22
C ARG A 23 0.25 12.37 11.96
N TYR A 24 0.56 12.05 10.71
CA TYR A 24 0.56 10.63 10.33
C TYR A 24 1.77 9.87 10.85
N GLU A 25 2.91 10.55 11.02
CA GLU A 25 4.05 9.89 11.63
C GLU A 25 3.68 9.45 13.05
N ASP A 26 3.06 10.35 13.82
CA ASP A 26 2.62 9.98 15.16
C ASP A 26 1.61 8.84 15.09
N MET A 27 0.63 8.96 14.19
CA MET A 27 -0.38 7.92 13.99
C MET A 27 0.24 6.58 13.75
N ALA A 28 1.26 6.53 12.89
CA ALA A 28 1.93 5.27 12.59
C ALA A 28 2.66 4.74 13.81
N ALA A 29 3.33 5.62 14.57
CA ALA A 29 4.02 5.16 15.77
C ALA A 29 3.06 4.59 16.81
N PHE A 30 1.90 5.24 17.00
CA PHE A 30 0.89 4.74 17.94
C PHE A 30 0.41 3.37 17.47
N MET A 31 0.14 3.23 16.18
CA MET A 31 -0.41 1.97 15.70
C MET A 31 0.65 0.85 15.73
N LYS A 32 1.92 1.16 15.47
CA LYS A 32 2.99 0.17 15.68
C LYS A 32 2.99 -0.29 17.14
N GLY A 33 2.87 0.66 18.07
CA GLY A 33 2.81 0.30 19.47
C GLY A 33 1.64 -0.61 19.75
N ALA A 34 0.47 -0.30 19.16
CA ALA A 34 -0.70 -1.15 19.38
C ALA A 34 -0.47 -2.55 18.82
N VAL A 35 0.07 -2.65 17.60
CA VAL A 35 0.34 -3.98 17.04
C VAL A 35 1.26 -4.76 17.95
N GLU A 36 2.27 -4.09 18.51
CA GLU A 36 3.26 -4.78 19.34
C GLU A 36 2.71 -5.21 20.68
N LYS A 37 1.48 -4.84 21.04
CA LYS A 37 0.88 -5.43 22.20
C LYS A 37 0.57 -6.91 21.99
N GLY A 38 0.56 -7.38 20.74
CA GLY A 38 0.45 -8.79 20.49
C GLY A 38 -0.94 -9.31 20.24
N GLU A 39 -1.97 -8.49 20.42
CA GLU A 39 -3.34 -8.89 20.14
C GLU A 39 -3.70 -8.62 18.68
N GLU A 40 -4.63 -9.39 18.16
CA GLU A 40 -5.13 -9.12 16.82
C GLU A 40 -5.75 -7.73 16.76
N LEU A 41 -5.76 -7.17 15.55
CA LEU A 41 -6.41 -5.89 15.26
C LEU A 41 -7.82 -6.12 14.77
N SER A 42 -8.73 -5.27 15.21
CA SER A 42 -10.07 -5.27 14.67
C SER A 42 -10.08 -4.63 13.29
N CYS A 43 -11.24 -4.68 12.63
CA CYS A 43 -11.39 -4.09 11.31
C CYS A 43 -11.02 -2.62 11.33
N GLU A 44 -11.55 -1.87 12.30
CA GLU A 44 -11.28 -0.44 12.36
C GLU A 44 -9.81 -0.18 12.64
N GLU A 45 -9.20 -1.00 13.49
CA GLU A 45 -7.79 -0.81 13.84
C GLU A 45 -6.90 -1.10 12.64
N ARG A 46 -7.26 -2.11 11.84
CA ARG A 46 -6.50 -2.39 10.63
C ARG A 46 -6.51 -1.18 9.71
N ASN A 47 -7.66 -0.52 9.59
CA ASN A 47 -7.73 0.69 8.77
C ASN A 47 -6.84 1.79 9.33
N LEU A 48 -6.77 1.95 10.65
CA LEU A 48 -5.89 2.96 11.22
C LEU A 48 -4.43 2.66 10.87
N LEU A 49 -4.06 1.39 10.96
CA LEU A 49 -2.69 0.99 10.63
C LEU A 49 -2.36 1.35 9.19
N SER A 50 -3.27 0.97 8.27
CA SER A 50 -3.03 1.19 6.85
C SER A 50 -2.99 2.67 6.52
N VAL A 51 -3.93 3.45 7.06
CA VAL A 51 -3.99 4.87 6.75
C VAL A 51 -2.70 5.55 7.21
N ALA A 52 -2.24 5.20 8.41
CA ALA A 52 -1.08 5.86 8.96
C ALA A 52 0.13 5.66 8.07
N TYR A 53 0.47 4.40 7.80
CA TYR A 53 1.67 4.13 7.03
C TYR A 53 1.51 4.50 5.56
N LYS A 54 0.31 4.40 4.98
CA LYS A 54 0.14 4.83 3.60
C LYS A 54 0.45 6.30 3.46
N ASN A 55 0.06 7.11 4.45
CA ASN A 55 0.29 8.54 4.36
C ASN A 55 1.75 8.87 4.61
N VAL A 56 2.39 8.21 5.59
CA VAL A 56 3.81 8.46 5.82
C VAL A 56 4.61 8.11 4.55
N VAL A 57 4.45 6.90 4.03
CA VAL A 57 5.26 6.48 2.90
C VAL A 57 4.83 7.22 1.64
N GLY A 58 3.56 7.64 1.58
CA GLY A 58 3.12 8.44 0.45
C GLY A 58 3.87 9.75 0.34
N GLY A 59 4.07 10.42 1.46
CA GLY A 59 4.86 11.63 1.44
C GLY A 59 6.31 11.36 1.08
N GLN A 60 6.86 10.27 1.59
CA GLN A 60 8.25 9.95 1.26
C GLN A 60 8.39 9.70 -0.24
N ARG A 61 7.43 8.96 -0.80
CA ARG A 61 7.47 8.63 -2.22
C ARG A 61 7.38 9.89 -3.05
N ALA A 62 6.47 10.81 -2.68
CA ALA A 62 6.36 12.05 -3.44
C ALA A 62 7.68 12.81 -3.40
N ALA A 63 8.33 12.86 -2.24
CA ALA A 63 9.59 13.59 -2.14
C ALA A 63 10.67 12.88 -2.94
N TRP A 64 10.73 11.56 -2.84
CA TRP A 64 11.70 10.80 -3.61
C TRP A 64 11.54 11.05 -5.09
N ARG A 65 10.30 11.14 -5.59
CA ARG A 65 10.11 11.35 -7.02
C ARG A 65 10.60 12.73 -7.41
N VAL A 66 10.37 13.74 -6.58
CA VAL A 66 10.86 15.08 -6.87
C VAL A 66 12.38 15.03 -6.99
N LEU A 67 13.04 14.40 -6.03
CA LEU A 67 14.50 14.40 -5.99
C LEU A 67 15.08 13.55 -7.13
N SER A 68 14.46 12.40 -7.41
CA SER A 68 14.94 11.54 -8.48
C SER A 68 14.85 12.26 -9.82
N SER A 69 13.81 13.07 -10.00
CA SER A 69 13.65 13.82 -11.24
C SER A 69 14.74 14.87 -11.37
N ILE A 70 15.02 15.58 -10.29
CA ILE A 70 16.13 16.53 -10.31
C ILE A 70 17.44 15.81 -10.63
N GLU A 71 17.64 14.64 -10.03
CA GLU A 71 18.86 13.88 -10.21
C GLU A 71 19.00 13.42 -11.66
N GLN A 72 17.92 12.92 -12.25
CA GLN A 72 17.99 12.45 -13.63
C GLN A 72 18.33 13.60 -14.57
N LYS A 73 17.72 14.76 -14.37
CA LYS A 73 18.05 15.93 -15.20
C LYS A 73 19.51 16.33 -15.02
N SER A 74 20.01 16.28 -13.78
CA SER A 74 21.41 16.59 -13.53
C SER A 74 22.36 15.68 -14.30
N ASN A 75 21.89 14.52 -14.74
CA ASN A 75 22.72 13.57 -15.47
C ASN A 75 22.41 13.57 -16.97
N GLU A 76 21.79 14.62 -17.49
CA GLU A 76 21.53 14.73 -18.93
C GLU A 76 22.66 15.51 -19.60
N GLU A 77 22.74 15.36 -20.92
CA GLU A 77 23.77 16.04 -21.70
C GLU A 77 23.69 17.55 -21.50
N GLY A 78 24.84 18.15 -21.21
CA GLY A 78 24.93 19.60 -21.07
C GLY A 78 24.62 20.13 -19.69
N SER A 79 24.31 19.26 -18.73
CA SER A 79 23.99 19.70 -17.37
C SER A 79 25.27 20.00 -16.61
N GLU A 80 25.30 21.14 -15.93
CA GLU A 80 26.45 21.51 -15.13
C GLU A 80 26.59 20.55 -13.95
N GLU A 81 27.83 20.12 -13.70
CA GLU A 81 28.11 19.30 -12.53
C GLU A 81 27.92 20.14 -11.28
N LYS A 82 27.14 19.65 -10.34
CA LYS A 82 26.92 20.37 -9.08
C LYS A 82 27.26 19.53 -7.87
N GLY A 83 27.96 18.42 -8.07
CA GLY A 83 28.47 17.65 -6.97
C GLY A 83 27.52 16.57 -6.51
N PRO A 84 27.86 15.95 -5.39
CA PRO A 84 27.15 14.77 -4.92
C PRO A 84 25.85 15.03 -4.17
N GLU A 85 25.46 16.30 -4.00
CA GLU A 85 24.42 16.61 -3.03
C GLU A 85 23.06 16.05 -3.42
N VAL A 86 22.69 16.14 -4.69
CA VAL A 86 21.37 15.66 -5.10
C VAL A 86 21.27 14.16 -4.88
N ARG A 87 22.29 13.43 -5.31
CA ARG A 87 22.33 11.99 -5.03
C ARG A 87 22.26 11.72 -3.53
N GLU A 88 23.09 12.41 -2.74
CA GLU A 88 23.12 12.17 -1.30
C GLU A 88 21.74 12.37 -0.68
N TYR A 89 21.08 13.46 -1.04
CA TYR A 89 19.82 13.76 -0.40
C TYR A 89 18.73 12.81 -0.91
N ARG A 90 18.74 12.47 -2.20
CA ARG A 90 17.84 11.43 -2.67
C ARG A 90 18.06 10.12 -1.92
N GLU A 91 19.31 9.73 -1.74
CA GLU A 91 19.63 8.54 -0.95
C GLU A 91 19.11 8.64 0.47
N LYS A 92 19.23 9.82 1.09
CA LYS A 92 18.74 9.99 2.46
C LYS A 92 17.24 9.72 2.54
N VAL A 93 16.46 10.31 1.63
CA VAL A 93 15.02 10.11 1.62
C VAL A 93 14.71 8.65 1.30
N GLU A 94 15.43 8.09 0.34
CA GLU A 94 15.22 6.69 -0.02
C GLU A 94 15.45 5.76 1.17
N THR A 95 16.52 5.98 1.93
CA THR A 95 16.84 5.12 3.04
C THR A 95 15.75 5.21 4.12
N GLU A 96 15.25 6.43 4.35
CA GLU A 96 14.15 6.62 5.28
C GLU A 96 12.90 5.89 4.82
N LEU A 97 12.61 5.99 3.52
CA LEU A 97 11.46 5.28 2.95
C LEU A 97 11.61 3.78 3.10
N GLN A 98 12.80 3.26 2.80
CA GLN A 98 13.05 1.83 2.93
C GLN A 98 12.87 1.41 4.38
N GLY A 99 13.29 2.26 5.31
CA GLY A 99 13.13 1.95 6.72
C GLY A 99 11.69 1.82 7.15
N VAL A 100 10.83 2.70 6.64
CA VAL A 100 9.42 2.63 6.97
C VAL A 100 8.81 1.38 6.35
N CYS A 101 9.13 1.11 5.10
CA CYS A 101 8.63 -0.13 4.49
C CYS A 101 9.09 -1.35 5.28
N ASP A 102 10.37 -1.37 5.70
CA ASP A 102 10.86 -2.52 6.45
C ASP A 102 10.12 -2.65 7.78
N THR A 103 9.80 -1.51 8.41
CA THR A 103 9.05 -1.55 9.66
C THR A 103 7.67 -2.14 9.45
N VAL A 104 6.97 -1.69 8.40
CA VAL A 104 5.64 -2.24 8.15
C VAL A 104 5.73 -3.72 7.84
N LEU A 105 6.66 -4.12 6.96
CA LEU A 105 6.81 -5.52 6.62
C LEU A 105 7.13 -6.36 7.84
N GLY A 106 7.87 -5.79 8.80
CA GLY A 106 8.18 -6.53 10.02
C GLY A 106 6.97 -6.74 10.90
N LEU A 107 6.10 -5.73 11.00
CA LEU A 107 4.86 -5.89 11.75
C LEU A 107 4.00 -6.95 11.11
N LEU A 108 3.89 -6.94 9.78
CA LEU A 108 3.09 -7.95 9.09
C LEU A 108 3.67 -9.34 9.33
N ASP A 109 5.00 -9.47 9.35
CA ASP A 109 5.63 -10.77 9.54
C ASP A 109 5.71 -11.18 11.01
N SER A 110 5.57 -10.24 11.95
CA SER A 110 5.69 -10.48 13.39
C SER A 110 4.61 -9.69 14.14
N HIS A 111 3.37 -10.16 14.14
CA HIS A 111 2.96 -11.49 13.71
C HIS A 111 1.55 -11.38 13.13
N LEU A 112 1.25 -10.25 12.49
CA LEU A 112 -0.10 -10.00 12.03
C LEU A 112 -0.58 -11.05 11.02
N ILE A 113 0.25 -11.38 10.03
CA ILE A 113 -0.20 -12.31 8.99
C ILE A 113 -0.40 -13.71 9.57
N LYS A 114 0.52 -14.18 10.39
CA LYS A 114 0.37 -15.57 10.85
C LYS A 114 -0.86 -15.77 11.73
N GLU A 115 -1.34 -14.74 12.43
CA GLU A 115 -2.51 -14.91 13.29
C GLU A 115 -3.82 -14.56 12.61
N ALA A 116 -3.77 -14.13 11.34
CA ALA A 116 -4.95 -13.67 10.61
C ALA A 116 -5.61 -14.84 9.89
N GLY A 117 -6.76 -15.27 10.41
CA GLY A 117 -7.44 -16.43 9.85
C GLY A 117 -8.67 -16.09 9.02
N ASP A 118 -9.34 -15.01 9.37
CA ASP A 118 -10.50 -14.60 8.60
C ASP A 118 -10.07 -13.96 7.29
N ALA A 119 -10.87 -14.18 6.25
CA ALA A 119 -10.48 -13.70 4.93
C ALA A 119 -10.21 -12.20 4.94
N GLU A 120 -11.08 -11.43 5.60
CA GLU A 120 -10.94 -9.98 5.59
C GLU A 120 -9.56 -9.57 6.10
N SER A 121 -9.17 -10.09 7.27
CA SER A 121 -7.88 -9.69 7.83
C SER A 121 -6.73 -10.23 7.02
N ARG A 122 -6.81 -11.50 6.58
CA ARG A 122 -5.69 -12.08 5.86
C ARG A 122 -5.45 -11.39 4.53
N VAL A 123 -6.52 -11.14 3.76
CA VAL A 123 -6.37 -10.42 2.49
C VAL A 123 -5.84 -9.02 2.73
N PHE A 124 -6.37 -8.33 3.75
CA PHE A 124 -5.92 -6.98 4.08
C PHE A 124 -4.41 -6.94 4.32
N TYR A 125 -3.91 -7.84 5.16
CA TYR A 125 -2.50 -7.81 5.50
C TYR A 125 -1.64 -8.24 4.33
N LEU A 126 -2.09 -9.21 3.52
CA LEU A 126 -1.30 -9.59 2.37
C LEU A 126 -1.28 -8.50 1.31
N LYS A 127 -2.39 -7.78 1.15
CA LYS A 127 -2.37 -6.60 0.28
C LYS A 127 -1.34 -5.58 0.77
N MET A 128 -1.34 -5.30 2.07
CA MET A 128 -0.31 -4.39 2.58
C MET A 128 1.09 -4.91 2.28
N LYS A 129 1.32 -6.21 2.46
CA LYS A 129 2.64 -6.76 2.18
C LYS A 129 3.02 -6.51 0.73
N GLY A 130 2.09 -6.77 -0.19
CA GLY A 130 2.35 -6.43 -1.59
C GLY A 130 2.63 -4.96 -1.80
N ASP A 131 1.84 -4.11 -1.14
CA ASP A 131 2.00 -2.66 -1.29
C ASP A 131 3.41 -2.21 -0.86
N TYR A 132 3.87 -2.67 0.32
CA TYR A 132 5.14 -2.17 0.82
C TYR A 132 6.34 -2.80 0.09
N TYR A 133 6.22 -4.04 -0.41
CA TYR A 133 7.25 -4.51 -1.35
C TYR A 133 7.20 -3.71 -2.65
N ARG A 134 6.00 -3.33 -3.11
CA ARG A 134 5.92 -2.50 -4.30
C ARG A 134 6.65 -1.18 -4.11
N TYR A 135 6.49 -0.54 -2.93
CA TYR A 135 7.20 0.72 -2.71
C TYR A 135 8.72 0.51 -2.65
N LEU A 136 9.15 -0.59 -2.04
CA LEU A 136 10.57 -0.92 -2.10
C LEU A 136 11.01 -1.12 -3.54
N ALA A 137 10.16 -1.73 -4.37
CA ALA A 137 10.55 -1.97 -5.76
C ALA A 137 10.67 -0.67 -6.55
N GLU A 138 9.88 0.35 -6.21
CA GLU A 138 9.93 1.61 -6.93
C GLU A 138 11.30 2.25 -6.86
N VAL A 139 12.04 2.02 -5.76
CA VAL A 139 13.34 2.64 -5.54
C VAL A 139 14.48 1.66 -5.70
N ALA A 140 14.20 0.41 -6.01
CA ALA A 140 15.21 -0.63 -6.10
C ALA A 140 15.89 -0.56 -7.46
N THR A 141 17.16 -0.83 -7.46
CA THR A 141 17.97 -0.94 -8.68
C THR A 141 18.86 -2.17 -8.69
N GLY A 142 19.51 -2.48 -7.57
CA GLY A 142 20.55 -3.48 -7.53
C GLY A 142 20.14 -4.93 -7.63
N ASP A 143 20.97 -5.81 -7.07
CA ASP A 143 20.84 -7.24 -7.29
C ASP A 143 19.55 -7.84 -6.75
N ASP A 144 18.71 -7.03 -6.11
CA ASP A 144 17.47 -7.56 -5.56
C ASP A 144 16.23 -6.80 -6.02
N LYS A 145 16.31 -5.96 -7.05
CA LYS A 145 15.07 -5.44 -7.60
C LYS A 145 14.14 -6.61 -7.99
N LYS A 146 14.70 -7.66 -8.57
CA LYS A 146 13.84 -8.74 -9.06
C LYS A 146 13.23 -9.52 -7.90
N ARG A 147 14.00 -9.77 -6.83
CA ARG A 147 13.47 -10.51 -5.70
C ARG A 147 12.41 -9.69 -4.99
N ILE A 148 12.61 -8.36 -4.94
CA ILE A 148 11.63 -7.48 -4.31
C ILE A 148 10.33 -7.48 -5.10
N ILE A 149 10.45 -7.41 -6.43
CA ILE A 149 9.27 -7.49 -7.30
C ILE A 149 8.56 -8.82 -7.11
N ASP A 150 9.32 -9.91 -7.00
CA ASP A 150 8.62 -11.18 -6.86
C ASP A 150 7.97 -11.31 -5.50
N SER A 151 8.57 -10.72 -4.46
CA SER A 151 7.93 -10.68 -3.15
C SER A 151 6.61 -9.93 -3.19
N ALA A 152 6.57 -8.79 -3.86
CA ALA A 152 5.31 -8.07 -4.02
C ALA A 152 4.28 -8.94 -4.73
N ARG A 153 4.68 -9.53 -5.87
CA ARG A 153 3.77 -10.36 -6.67
C ARG A 153 3.23 -11.53 -5.88
N SER A 154 4.10 -12.21 -5.13
CA SER A 154 3.69 -13.37 -4.35
C SER A 154 2.64 -12.98 -3.31
N ALA A 155 2.85 -11.87 -2.62
CA ALA A 155 1.89 -11.45 -1.60
C ALA A 155 0.55 -11.06 -2.23
N TYR A 156 0.61 -10.27 -3.30
CA TYR A 156 -0.62 -9.88 -3.99
C TYR A 156 -1.34 -11.10 -4.52
N GLN A 157 -0.59 -12.08 -5.05
CA GLN A 157 -1.22 -13.27 -5.61
C GLN A 157 -1.92 -14.09 -4.55
N GLU A 158 -1.27 -14.28 -3.39
CA GLU A 158 -1.93 -15.04 -2.33
C GLU A 158 -3.18 -14.32 -1.85
N ALA A 159 -3.10 -12.99 -1.71
CA ALA A 159 -4.28 -12.21 -1.36
C ALA A 159 -5.38 -12.37 -2.40
N MET A 160 -5.01 -12.33 -3.68
CA MET A 160 -6.00 -12.49 -4.75
C MET A 160 -6.69 -13.84 -4.65
N ASP A 161 -5.89 -14.91 -4.48
CA ASP A 161 -6.48 -16.24 -4.44
C ASP A 161 -7.49 -16.34 -3.32
N ILE A 162 -7.16 -15.80 -2.13
CA ILE A 162 -8.09 -15.86 -1.01
C ILE A 162 -9.32 -15.01 -1.29
N SER A 163 -9.11 -13.79 -1.80
CA SER A 163 -10.20 -12.86 -2.00
C SER A 163 -11.23 -13.43 -2.98
N LYS A 164 -10.76 -14.11 -4.02
CA LYS A 164 -11.68 -14.67 -5.01
C LYS A 164 -12.46 -15.86 -4.45
N LYS A 165 -11.87 -16.61 -3.54
CA LYS A 165 -12.57 -17.73 -2.93
C LYS A 165 -13.54 -17.29 -1.84
N GLU A 166 -13.20 -16.23 -1.07
CA GLU A 166 -13.87 -15.99 0.22
C GLU A 166 -14.65 -14.69 0.28
N MET A 167 -14.58 -13.83 -0.71
CA MET A 167 -15.16 -12.49 -0.69
C MET A 167 -16.00 -12.26 -1.91
N PRO A 168 -17.09 -11.52 -1.79
CA PRO A 168 -17.87 -11.16 -2.97
C PRO A 168 -17.11 -10.17 -3.82
N PRO A 169 -17.43 -10.10 -5.11
CA PRO A 169 -16.67 -9.24 -6.03
C PRO A 169 -16.73 -7.79 -5.68
N THR A 170 -17.74 -7.35 -4.93
CA THR A 170 -17.87 -5.95 -4.55
C THR A 170 -17.22 -5.63 -3.20
N ASN A 171 -16.61 -6.60 -2.53
CA ASN A 171 -15.98 -6.33 -1.25
CA ASN A 171 -15.98 -6.33 -1.25
C ASN A 171 -14.90 -5.25 -1.42
N PRO A 172 -14.91 -4.20 -0.61
CA PRO A 172 -13.95 -3.11 -0.84
C PRO A 172 -12.50 -3.53 -0.72
N ILE A 173 -12.19 -4.49 0.16
CA ILE A 173 -10.82 -4.96 0.27
C ILE A 173 -10.43 -5.75 -0.98
N ARG A 174 -11.30 -6.63 -1.45
CA ARG A 174 -11.04 -7.32 -2.70
C ARG A 174 -10.84 -6.31 -3.85
N LEU A 175 -11.69 -5.30 -3.92
CA LEU A 175 -11.57 -4.33 -4.99
C LEU A 175 -10.27 -3.54 -4.91
N GLY A 176 -9.93 -3.08 -3.70
CA GLY A 176 -8.71 -2.31 -3.56
C GLY A 176 -7.46 -3.12 -3.82
N LEU A 177 -7.48 -4.40 -3.42
CA LEU A 177 -6.38 -5.30 -3.77
C LEU A 177 -6.22 -5.40 -5.28
N ALA A 178 -7.32 -5.59 -6.00
CA ALA A 178 -7.24 -5.70 -7.46
C ALA A 178 -6.75 -4.42 -8.09
N LEU A 179 -7.24 -3.27 -7.61
CA LEU A 179 -6.75 -1.99 -8.07
C LEU A 179 -5.23 -1.92 -7.95
N ASN A 180 -4.71 -2.22 -6.76
CA ASN A 180 -3.28 -2.04 -6.52
C ASN A 180 -2.44 -3.08 -7.24
N PHE A 181 -2.93 -4.34 -7.35
CA PHE A 181 -2.20 -5.37 -8.08
C PHE A 181 -2.15 -5.02 -9.55
N SER A 182 -3.24 -4.42 -10.06
CA SER A 182 -3.26 -3.94 -11.43
C SER A 182 -2.23 -2.84 -11.63
N VAL A 183 -2.08 -1.94 -10.66
CA VAL A 183 -1.03 -0.93 -10.77
C VAL A 183 0.37 -1.56 -10.69
N PHE A 184 0.56 -2.54 -9.81
CA PHE A 184 1.81 -3.29 -9.77
C PHE A 184 2.13 -3.84 -11.16
N HIS A 185 1.16 -4.46 -11.82
CA HIS A 185 1.45 -4.99 -13.14
C HIS A 185 1.86 -3.89 -14.11
N TYR A 186 1.18 -2.75 -14.08
CA TYR A 186 1.43 -1.70 -15.07
C TYR A 186 2.74 -1.00 -14.81
N GLU A 187 3.00 -0.64 -13.55
CA GLU A 187 4.09 0.27 -13.22
C GLU A 187 5.38 -0.42 -12.77
N ILE A 188 5.30 -1.65 -12.25
CA ILE A 188 6.43 -2.34 -11.67
C ILE A 188 6.87 -3.52 -12.53
N ALA A 189 5.91 -4.35 -12.97
CA ALA A 189 6.19 -5.62 -13.58
C ALA A 189 6.23 -5.56 -15.09
N ASN A 190 6.07 -4.37 -15.68
CA ASN A 190 6.13 -4.22 -17.14
C ASN A 190 5.12 -5.13 -17.82
N SER A 191 3.91 -5.18 -17.28
CA SER A 191 2.84 -6.07 -17.76
C SER A 191 1.55 -5.27 -17.94
N PRO A 192 1.55 -4.26 -18.82
CA PRO A 192 0.35 -3.42 -19.01
C PRO A 192 -0.87 -4.21 -19.46
N GLU A 193 -0.72 -5.28 -20.24
CA GLU A 193 -1.90 -6.03 -20.64
C GLU A 193 -2.54 -6.72 -19.45
N GLU A 194 -1.72 -7.29 -18.56
CA GLU A 194 -2.25 -7.91 -17.35
C GLU A 194 -2.93 -6.88 -16.47
N ALA A 195 -2.33 -5.69 -16.37
CA ALA A 195 -2.92 -4.63 -15.58
C ALA A 195 -4.31 -4.26 -16.09
N ILE A 196 -4.45 -4.08 -17.40
CA ILE A 196 -5.72 -3.70 -18.02
C ILE A 196 -6.73 -4.83 -17.87
N SER A 197 -6.30 -6.05 -18.13
CA SER A 197 -7.20 -7.20 -18.03
C SER A 197 -7.74 -7.36 -16.62
N LEU A 198 -6.86 -7.22 -15.63
CA LEU A 198 -7.28 -7.35 -14.25
C LEU A 198 -8.24 -6.24 -13.87
N ALA A 199 -7.93 -5.00 -14.25
CA ALA A 199 -8.82 -3.89 -13.87
C ALA A 199 -10.19 -4.05 -14.51
N LYS A 200 -10.22 -4.49 -15.77
CA LYS A 200 -11.49 -4.64 -16.48
C LYS A 200 -12.32 -5.77 -15.91
N THR A 201 -11.72 -6.94 -15.73
CA THR A 201 -12.45 -8.06 -15.18
C THR A 201 -12.98 -7.73 -13.79
N THR A 202 -12.15 -7.10 -12.96
CA THR A 202 -12.59 -6.72 -11.62
C THR A 202 -13.78 -5.79 -11.68
N PHE A 203 -13.70 -4.75 -12.53
CA PHE A 203 -14.80 -3.79 -12.66
C PHE A 203 -16.08 -4.48 -13.10
N ASP A 204 -15.98 -5.32 -14.13
CA ASP A 204 -17.18 -5.96 -14.68
C ASP A 204 -17.84 -6.91 -13.68
N GLU A 205 -17.04 -7.69 -12.93
CA GLU A 205 -17.63 -8.62 -11.97
C GLU A 205 -18.22 -7.89 -10.77
N ALA A 206 -17.63 -6.76 -10.39
CA ALA A 206 -18.22 -5.93 -9.34
C ALA A 206 -19.55 -5.33 -9.81
N MET A 207 -19.59 -4.80 -11.03
CA MET A 207 -20.84 -4.26 -11.55
C MET A 207 -21.98 -5.27 -11.41
N ALA A 208 -21.73 -6.51 -11.80
CA ALA A 208 -22.74 -7.54 -11.80
C ALA A 208 -23.15 -7.99 -10.40
N ASP A 209 -22.45 -7.54 -9.34
CA ASP A 209 -22.74 -7.94 -7.97
C ASP A 209 -23.33 -6.80 -7.16
N LEU A 210 -23.38 -5.60 -7.73
CA LEU A 210 -23.88 -4.45 -7.01
C LEU A 210 -25.33 -4.61 -6.57
N HIS A 211 -26.11 -5.41 -7.29
CA HIS A 211 -27.54 -5.52 -6.99
C HIS A 211 -27.79 -6.15 -5.63
N THR A 212 -26.80 -6.83 -5.06
CA THR A 212 -27.00 -7.52 -3.81
C THR A 212 -26.83 -6.62 -2.61
N LEU A 213 -26.40 -5.39 -2.84
CA LEU A 213 -25.92 -4.54 -1.76
C LEU A 213 -26.97 -3.52 -1.29
N SER A 214 -26.83 -3.15 -0.03
CA SER A 214 -27.53 -2.00 0.53
C SER A 214 -26.98 -0.72 -0.08
N GLU A 215 -27.65 0.39 0.24
CA GLU A 215 -27.22 1.68 -0.32
C GLU A 215 -25.80 2.06 0.15
N ASP A 216 -25.47 1.75 1.41
CA ASP A 216 -24.15 2.10 1.94
C ASP A 216 -23.06 1.16 1.44
N SER A 217 -23.38 -0.11 1.29
CA SER A 217 -22.42 -1.03 0.68
C SER A 217 -22.12 -0.63 -0.78
N TYR A 218 -23.11 -0.10 -1.44
CA TYR A 218 -22.93 0.59 -2.70
C TYR A 218 -22.30 1.95 -2.35
N LYS A 219 -21.05 1.95 -1.81
CA LYS A 219 -20.35 3.21 -1.53
C LYS A 219 -18.82 3.29 -1.73
N ASP A 220 -17.98 2.90 -0.72
CA ASP A 220 -16.53 2.87 -1.05
C ASP A 220 -16.22 1.89 -2.16
N SER A 221 -17.18 1.01 -2.37
CA SER A 221 -17.11 0.02 -3.46
C SER A 221 -17.27 0.65 -4.84
N THR A 222 -18.47 1.22 -5.07
CA THR A 222 -18.59 2.03 -6.30
C THR A 222 -17.48 3.09 -6.34
N LEU A 223 -17.02 3.48 -5.17
CA LEU A 223 -15.91 4.42 -5.10
C LEU A 223 -14.61 3.82 -5.67
N ILE A 224 -14.25 2.61 -5.26
CA ILE A 224 -13.04 1.99 -5.78
C ILE A 224 -13.25 1.58 -7.23
N MET A 225 -14.47 1.21 -7.60
CA MET A 225 -14.73 0.93 -9.02
C MET A 225 -14.41 2.14 -9.90
N GLN A 226 -14.74 3.34 -9.43
CA GLN A 226 -14.40 4.52 -10.21
C GLN A 226 -12.89 4.66 -10.37
N LEU A 227 -12.11 4.24 -9.36
CA LEU A 227 -10.67 4.29 -9.50
C LEU A 227 -10.17 3.28 -10.53
N LEU A 228 -10.77 2.08 -10.57
CA LEU A 228 -10.43 1.13 -11.64
C LEU A 228 -10.69 1.75 -13.00
N ARG A 229 -11.87 2.36 -13.16
CA ARG A 229 -12.21 2.99 -14.43
C ARG A 229 -11.26 4.13 -14.75
N ASP A 230 -10.92 4.95 -13.74
CA ASP A 230 -9.96 6.01 -13.95
C ASP A 230 -8.65 5.47 -14.50
N ASN A 231 -8.14 4.40 -13.89
CA ASN A 231 -6.88 3.83 -14.36
C ASN A 231 -7.03 3.29 -15.77
N LEU A 232 -8.12 2.58 -16.05
CA LEU A 232 -8.34 2.07 -17.40
C LEU A 232 -8.34 3.18 -18.43
N THR A 233 -8.92 4.34 -18.08
CA THR A 233 -8.95 5.46 -19.01
C THR A 233 -7.55 6.07 -19.19
N LEU A 234 -6.73 6.06 -18.13
CA LEU A 234 -5.35 6.49 -18.28
C LEU A 234 -4.57 5.56 -19.18
N TRP A 235 -4.90 4.27 -19.18
CA TRP A 235 -4.08 3.25 -19.80
C TRP A 235 -4.51 2.88 -21.21
N THR A 236 -5.66 3.37 -21.67
CA THR A 236 -6.21 2.93 -22.97
C THR A 236 -6.66 4.13 -23.81
N PHE B 1 0.43 9.75 -12.04
CA PHE B 1 0.49 8.38 -11.53
C PHE B 1 -0.91 7.78 -11.43
N PRO B 2 -1.01 6.45 -11.52
CA PRO B 2 -2.31 5.79 -11.38
C PRO B 2 -2.75 5.70 -9.92
N ALA B 3 -4.03 5.45 -9.75
CA ALA B 3 -4.63 5.46 -8.43
C ALA B 3 -4.46 4.14 -7.70
N TPO B 4 -4.13 4.21 -6.42
CA TPO B 4 -4.02 3.05 -5.52
CB TPO B 4 -2.54 2.67 -5.28
CG2 TPO B 4 -1.98 2.13 -6.60
OG1 TPO B 4 -1.99 3.88 -4.81
P TPO B 4 -0.48 3.76 -4.20
O1P TPO B 4 -0.28 5.15 -3.44
O2P TPO B 4 0.47 3.64 -5.36
O3P TPO B 4 -0.44 2.55 -3.16
C TPO B 4 -4.73 3.41 -4.21
O TPO B 4 -4.95 4.59 -3.90
HA TPO B 4 -4.43 2.25 -5.92
HB TPO B 4 -2.34 1.87 -4.57
HG21 TPO B 4 -0.96 1.79 -6.45
HG22 TPO B 4 -1.99 2.93 -7.35
HG23 TPO B 4 -2.60 1.31 -6.94
N VAL B 5 -5.15 2.40 -3.47
CA VAL B 5 -5.83 2.67 -2.20
C VAL B 5 -5.20 1.89 -1.07
MG MG C . -6.85 -13.87 -14.38
MG MG D . -3.29 -3.10 29.45
MG MG E . 19.92 3.50 -1.84
C01 SJ4 F . -11.94 5.39 1.00
C02 SJ4 F . -11.71 3.87 0.98
C03 SJ4 F . -11.70 3.28 -0.45
C04 SJ4 F . -10.34 3.52 1.71
C05 SJ4 F . -10.15 2.64 2.94
C06 SJ4 F . -8.72 2.59 3.26
C07 SJ4 F . -8.09 3.88 2.60
C09 SJ4 F . -8.96 4.09 1.32
C10 SJ4 F . -8.47 2.53 4.78
C11 SJ4 F . -7.91 1.45 2.63
C12 SJ4 F . -8.48 0.22 1.99
C13 SJ4 F . -9.72 0.03 1.41
C14 SJ4 F . -9.41 -1.16 0.27
C15 SJ4 F . -8.37 -1.90 0.77
C16 SJ4 F . -7.41 -0.85 1.45
C17 SJ4 F . -6.64 -1.29 2.56
C19 SJ4 F . -4.80 -2.81 2.96
C20 SJ4 F . -10.87 -0.43 2.38
C21 SJ4 F . -10.26 -1.04 3.61
C22 SJ4 F . -11.82 0.75 2.69
C24 SJ4 F . -11.30 1.84 3.60
C26 SJ4 F . -12.50 3.04 5.26
C27 SJ4 F . -13.87 3.71 5.44
C29 SJ4 F . -13.83 5.08 4.71
C31 SJ4 F . -12.65 5.94 5.11
C32 SJ4 F . -11.30 5.23 4.98
C33 SJ4 F . -10.21 6.10 5.43
C35 SJ4 F . -11.45 8.06 4.63
C36 SJ4 F . -11.43 9.17 3.55
C37 SJ4 F . -11.54 8.70 6.03
O08 SJ4 F . -6.81 3.72 2.20
O18 SJ4 F . -5.66 -2.19 2.01
O23 SJ4 F . -12.95 0.15 3.30
O25 SJ4 F . -12.37 2.78 3.88
O28 SJ4 F . -14.86 2.86 4.90
O30 SJ4 F . -15.01 5.83 5.02
O34 SJ4 F . -10.15 7.29 4.56
O38 SJ4 F . -12.66 7.20 4.40
O39 SJ4 F . -11.35 3.89 5.72
H013 SJ4 F . -12.13 5.68 1.90
H012 SJ4 F . -12.70 5.61 0.43
H011 SJ4 F . -11.16 5.84 0.67
H021 SJ4 F . -12.46 3.47 1.46
H031 SJ4 F . -10.86 3.48 -0.87
H032 SJ4 F . -12.42 3.68 -0.97
H033 SJ4 F . -11.84 2.33 -0.41
H071 SJ4 F . -8.14 4.60 3.24
H091 SJ4 F . -9.03 5.03 1.10
H092 SJ4 F . -8.59 3.59 0.57
H103 SJ4 F . -8.97 3.24 5.21
H102 SJ4 F . -7.53 2.65 4.96
H101 SJ4 F . -8.76 1.67 5.12
H1 SJ4 F . -6.98 1.53 2.66
H131 SJ4 F . -10.02 0.86 1.01
H141 SJ4 F . -9.15 -0.75 -0.57
H142 SJ4 F . -10.19 -1.72 0.15
H152 SJ4 F . -7.90 -2.36 0.05
H151 SJ4 F . -8.69 -2.54 1.43
H161 SJ4 F . -6.77 -0.55 0.78
H172 SJ4 F . -7.21 -1.75 3.20
H171 SJ4 F . -6.21 -0.53 2.99
H193 SJ4 F . -4.15 -3.38 2.50
H191 SJ4 F . -5.33 -3.35 3.58
H192 SJ4 F . -4.32 -2.12 3.46
H201 SJ4 F . -11.39 -1.15 1.99
H213 SJ4 F . -9.80 -0.35 4.12
H212 SJ4 F . -9.62 -1.73 3.36
H211 SJ4 F . -10.96 -1.43 4.16
H221 SJ4 F . -12.02 1.20 1.86
H241 SJ4 F . -11.01 1.43 4.43
H261 SJ4 F . -12.45 2.22 5.77
H271 SJ4 F . -14.10 3.85 6.37
H291 SJ4 F . -13.78 4.88 3.76
H311 SJ4 F . -12.77 6.11 6.06
H321 SJ4 F . -11.11 5.03 4.05
H332 SJ4 F . -9.36 5.62 5.38
H331 SJ4 F . -10.37 6.37 6.35
H362 SJ4 F . -12.25 9.69 3.62
H363 SJ4 F . -11.38 8.77 2.67
H361 SJ4 F . -10.67 9.75 3.69
H371 SJ4 F . -12.22 9.39 6.02
H373 SJ4 F . -10.69 9.09 6.26
H372 SJ4 F . -11.78 8.03 6.68
H081 SJ4 F . -6.60 4.37 1.69
H231 SJ4 F . -13.36 -0.34 2.73
H281 SJ4 F . -15.39 3.33 4.40
H301 SJ4 F . -14.88 6.65 4.86
#